data_8I3Z
#
_entry.id   8I3Z
#
_cell.length_a   81.271
_cell.length_b   81.271
_cell.length_c   61.855
_cell.angle_alpha   90.000
_cell.angle_beta   90.000
_cell.angle_gamma   120.000
#
_symmetry.space_group_name_H-M   'P 32 2 1'
#
loop_
_entity.id
_entity.type
_entity.pdbx_description
1 polymer "RNA (5'-R(*AP*GP*AP*GP*CP*GP*UP*UP*GP*CP*GP*UP*CP*CP*GP*AP*AP*AP*GP*UP*(CBV)P*GP*CP*C)-3')"
2 polymer 'RNA (31-MER)'
3 non-polymer 'SODIUM ION'
4 non-polymer 'BETA-NICOTINAMIDE RIBOSE MONOPHOSPHATE'
5 water water
#
loop_
_entity_poly.entity_id
_entity_poly.type
_entity_poly.pdbx_seq_one_letter_code
_entity_poly.pdbx_strand_id
1 'polyribonucleotide' AGAGCGUUGCGUCCGAAAGU(CBV)GCC A
2 'polyribonucleotide' GCGACACGGCUCUUUAAAAACAAAAGGAGAA B
#
loop_
_chem_comp.id
_chem_comp.type
_chem_comp.name
_chem_comp.formula
A RNA linking ADENOSINE-5'-MONOPHOSPHATE 'C10 H14 N5 O7 P'
C RNA linking CYTIDINE-5'-MONOPHOSPHATE 'C9 H14 N3 O8 P'
CBV RNA linking '5-BROMOCYTIDINE 5'-(DIHYDROGEN PHOSPHATE)' 'C9 H13 Br N3 O8 P'
G RNA linking GUANOSINE-5'-MONOPHOSPHATE 'C10 H14 N5 O8 P'
NA non-polymer 'SODIUM ION' 'Na 1'
NMN non-polymer 'BETA-NICOTINAMIDE RIBOSE MONOPHOSPHATE' 'C11 H16 N2 O8 P 1'
U RNA linking URIDINE-5'-MONOPHOSPHATE 'C9 H13 N2 O9 P'
#
# COMPACT_ATOMS: atom_id res chain seq x y z
P CBV A 21 -13.92 -4.49 3.96
O1P CBV A 21 -14.16 -4.92 5.40
O2P CBV A 21 -15.09 -4.04 3.13
O5' CBV A 21 -13.20 -5.72 3.24
C5' CBV A 21 -12.94 -5.71 1.84
C4' CBV A 21 -12.19 -6.95 1.39
O4' CBV A 21 -10.92 -7.05 2.09
C3' CBV A 21 -12.86 -8.28 1.67
O3' CBV A 21 -13.86 -8.56 0.72
C2' CBV A 21 -11.69 -9.27 1.66
O2' CBV A 21 -11.34 -9.64 0.33
C1' CBV A 21 -10.55 -8.41 2.21
N1 CBV A 21 -10.30 -8.66 3.64
C2 CBV A 21 -9.44 -9.78 4.08
O2 CBV A 21 -8.99 -10.50 3.28
N3 CBV A 21 -9.20 -9.95 5.52
C4 CBV A 21 -9.78 -9.08 6.49
N4 CBV A 21 -9.54 -9.29 7.91
C5 CBV A 21 -10.66 -7.95 6.03
C6 CBV A 21 -10.89 -7.75 4.59
BR CBV A 21 -11.51 -6.73 7.26
H5'1 CBV A 21 -13.88 -5.67 1.31
H5'2 CBV A 21 -12.35 -4.84 1.59
H4' CBV A 21 -11.99 -6.87 0.33
H3' CBV A 21 -13.27 -8.28 2.68
HO3' CBV A 21 -14.33 -9.32 0.98
H2' CBV A 21 -11.91 -10.12 2.28
HO2' CBV A 21 -10.55 -10.17 0.37
H1' CBV A 21 -9.64 -8.63 1.61
HN41 CBV A 21 -8.97 -10.06 8.20
HN42 CBV A 21 -9.95 -8.68 8.60
H6 CBV A 21 -11.50 -6.94 4.25
NA NA C . 8.76 -2.28 9.45
O3P NMN D . 8.95 -6.54 -1.05
P NMN D . 9.90 -5.39 -0.98
O1P NMN D . 10.56 -5.18 0.41
O2P NMN D . 10.98 -5.49 -1.99
O5R NMN D . 8.98 -4.06 -1.28
C5R NMN D . 7.94 -4.11 -2.22
C4R NMN D . 7.97 -2.87 -3.13
O4R NMN D . 8.07 -1.61 -2.13
C3R NMN D . 9.02 -2.82 -3.89
O3R NMN D . 8.74 -3.42 -5.20
C2R NMN D . 9.24 -1.33 -4.11
O2R NMN D . 8.39 -0.71 -5.03
C1R NMN D . 8.89 -0.76 -2.72
N1 NMN D . 10.07 -0.61 -1.84
C2 NMN D . 10.90 0.40 -2.11
C3 NMN D . 11.94 0.59 -1.26
C7 NMN D . 12.95 1.76 -1.58
O7 NMN D . 13.76 2.04 -0.68
N7 NMN D . 12.92 2.56 -2.75
C4 NMN D . 12.15 -0.14 -0.17
C5 NMN D . 11.27 -1.13 0.13
C6 NMN D . 10.20 -1.33 -0.74
H5R1 NMN D . 7.04 -4.14 -1.72
H5R2 NMN D . 8.05 -4.96 -2.80
H4RC NMN D . 7.15 -2.84 -3.79
H3RC NMN D . 9.81 -3.27 -3.44
H3RO NMN D . 8.68 -2.75 -5.85
H2RC NMN D . 10.26 -1.19 -4.48
H2RO NMN D . 8.75 0.07 -5.29
H1RC NMN D . 8.39 0.25 -2.93
HC2 NMN D . 10.75 1.04 -2.99
HN71 NMN D . 13.55 3.25 -2.86
HN72 NMN D . 12.26 2.36 -3.47
HC4 NMN D . 13.03 0.05 0.47
HC5 NMN D . 11.39 -1.71 0.95
HC6 NMN D . 9.44 -2.10 -0.50
O3P NMN E . -5.05 9.91 -3.25
P NMN E . -3.53 10.12 -3.23
O1P NMN E . -3.11 11.50 -2.69
O2P NMN E . -2.97 10.06 -4.64
O5R NMN E . -2.93 8.98 -2.27
C5R NMN E . -2.95 7.59 -2.61
C4R NMN E . -2.49 6.75 -1.42
O4R NMN E . -0.98 7.25 -1.47
C3R NMN E . -2.96 7.09 -0.24
O3R NMN E . -2.95 5.86 0.56
C2R NMN E . -1.99 8.03 0.48
O2R NMN E . -1.94 7.95 1.86
C1R NMN E . -0.64 7.47 -0.19
N1 NMN E . 0.44 8.51 -0.13
C2 NMN E . 0.52 9.31 -1.15
C3 NMN E . 1.46 10.31 -1.18
C7 NMN E . 1.53 11.25 -2.40
O7 NMN E . 0.67 11.24 -3.31
N7 NMN E . 2.52 12.25 -2.49
C4 NMN E . 2.28 10.40 -0.11
C5 NMN E . 2.17 9.59 0.95
C6 NMN E . 1.22 8.55 0.96
H5R1 NMN E . -2.30 7.42 -3.41
H5R2 NMN E . -3.91 7.31 -2.87
H4RC NMN E . -2.75 5.72 -1.44
H3RC NMN E . -3.84 7.58 -0.38
H3RO NMN E . -3.77 5.41 0.52
H2RC NMN E . -2.22 9.07 0.30
H2RO NMN E . -1.76 7.14 2.17
H1RC NMN E . -0.32 6.50 0.32
HC2 NMN E . -0.16 9.19 -2.01
HN71 NMN E . 2.52 12.81 -3.24
HN72 NMN E . 3.22 12.32 -1.81
HC4 NMN E . 3.08 11.17 -0.11
HC5 NMN E . 2.78 9.73 1.76
HC6 NMN E . 1.13 7.83 1.80
NA NA F . 18.45 -14.69 0.02
NA NA G . -5.18 10.24 13.71
NA NA H . 17.01 -3.95 -12.43
#